data_2EUO
#
_entry.id   2EUO
#
_cell.length_a   43.49
_cell.length_b   73.57
_cell.length_c   104.61
_cell.angle_alpha   90
_cell.angle_beta   90
_cell.angle_gamma   90
#
_symmetry.space_group_name_H-M   'P 21 21 21'
#
loop_
_entity.id
_entity.type
_entity.pdbx_description
1 polymer 'cytochrome c peroxidase'
2 non-polymer 'PROTOPORPHYRIN IX CONTAINING FE'
3 non-polymer 1-METHYL-1,6-DIHYDROPYRIDIN-3-AMINE
4 water water
#
_entity_poly.entity_id   1
_entity_poly.type   'polypeptide(L)'
_entity_poly.pdbx_seq_one_letter_code
;MKTLVHVASVEKGRSYEDFQKVYNAIALKLREDDEYDNYIGYGPVLVRLAWHISGTWDKHDNTGGSYGGTYRFKKEFNDP
SNAGLQNGFKFLEPIHKEFPWISSGDLFSLGGVTAVQEMQGPKIPWRCGRVDTPEDTTPDNGRLPDADKDAGYVRTFFQR
LNMNDREVVALMGAHALGKTHLKNSGYEGPGGAANNVFTNEFYLNLLNEDWKLEKNDANNEQWDSKSGYMMLPTDYSLIQ
DPKYLSIVKEYANDQDKFFKDFSKAFEKLLENGITFPKDAPSPFIFKTLEEQGL
;
_entity_poly.pdbx_strand_id   A
#
loop_
_chem_comp.id
_chem_comp.type
_chem_comp.name
_chem_comp.formula
HEM non-polymer 'PROTOPORPHYRIN IX CONTAINING FE' 'C34 H32 Fe N4 O4'
LG5 non-polymer 1-METHYL-1,6-DIHYDROPYRIDIN-3-AMINE 'C6 H10 N2'
#
# COMPACT_ATOMS: atom_id res chain seq x y z
N LEU A 4 16.36 6.34 18.39
CA LEU A 4 14.87 6.45 18.49
C LEU A 4 14.27 5.04 18.43
N VAL A 5 13.61 4.60 19.48
CA VAL A 5 12.96 3.28 19.47
C VAL A 5 11.47 3.48 19.56
N HIS A 6 10.69 2.72 18.77
CA HIS A 6 9.25 2.79 18.86
C HIS A 6 8.75 1.43 19.25
N VAL A 7 8.37 1.30 20.52
CA VAL A 7 7.88 0.04 21.05
C VAL A 7 6.37 -0.07 20.89
N ALA A 8 5.92 -1.16 20.25
CA ALA A 8 4.50 -1.40 20.06
C ALA A 8 3.85 -1.51 21.43
N SER A 9 2.74 -0.80 21.63
CA SER A 9 1.98 -0.82 22.87
C SER A 9 0.53 -1.07 22.53
N VAL A 10 0.04 -2.25 22.90
CA VAL A 10 -1.34 -2.64 22.58
C VAL A 10 -2.34 -1.65 23.18
N GLU A 11 -3.28 -1.19 22.37
CA GLU A 11 -4.36 -0.32 22.88
C GLU A 11 -4.98 -0.99 24.12
N LYS A 12 -5.06 -0.24 25.23
CA LYS A 12 -5.28 -0.85 26.54
C LYS A 12 -6.57 -1.65 26.58
N GLY A 13 -6.43 -2.94 26.92
CA GLY A 13 -7.55 -3.86 27.06
C GLY A 13 -8.11 -4.50 25.79
N ARG A 14 -7.47 -4.26 24.65
CA ARG A 14 -8.04 -4.68 23.38
C ARG A 14 -7.40 -5.98 22.95
N SER A 15 -8.17 -6.80 22.27
CA SER A 15 -7.70 -8.10 21.82
C SER A 15 -8.11 -8.26 20.37
N TYR A 16 -7.78 -9.41 19.80
CA TYR A 16 -8.08 -9.73 18.42
C TYR A 16 -9.50 -9.36 17.99
N GLU A 17 -10.49 -9.75 18.81
CA GLU A 17 -11.90 -9.54 18.47
C GLU A 17 -12.22 -8.07 18.28
N ASP A 18 -11.61 -7.22 19.09
CA ASP A 18 -11.78 -5.77 18.94
C ASP A 18 -11.29 -5.30 17.57
N PHE A 19 -10.11 -5.75 17.17
CA PHE A 19 -9.58 -5.36 15.86
C PHE A 19 -10.36 -5.99 14.71
N GLN A 20 -10.86 -7.22 14.90
CA GLN A 20 -11.74 -7.81 13.90
C GLN A 20 -12.98 -6.92 13.65
N LYS A 21 -13.49 -6.29 14.72
CA LYS A 21 -14.64 -5.38 14.57
C LYS A 21 -14.29 -4.15 13.71
N VAL A 22 -13.07 -3.66 13.86
CA VAL A 22 -12.63 -2.50 13.09
C VAL A 22 -12.45 -2.93 11.62
N TYR A 23 -11.79 -4.09 11.41
CA TYR A 23 -11.68 -4.71 10.07
C TYR A 23 -13.09 -4.80 9.44
N ASN A 24 -14.06 -5.34 10.20
CA ASN A 24 -15.39 -5.52 9.64
C ASN A 24 -16.04 -4.19 9.24
N ALA A 25 -15.86 -3.16 10.07
CA ALA A 25 -16.41 -1.83 9.72
C ALA A 25 -15.81 -1.29 8.42
N ILE A 26 -14.48 -1.43 8.29
CA ILE A 26 -13.82 -1.04 7.05
C ILE A 26 -14.39 -1.82 5.87
N ALA A 27 -14.52 -3.12 6.04
CA ALA A 27 -14.92 -3.96 4.94
C ALA A 27 -16.39 -3.71 4.54
N LEU A 28 -17.25 -3.45 5.51
CA LEU A 28 -18.64 -3.14 5.21
C LEU A 28 -18.74 -1.80 4.47
N LYS A 29 -17.93 -0.83 4.86
CA LYS A 29 -17.96 0.46 4.15
C LYS A 29 -17.36 0.35 2.73
N LEU A 30 -16.32 -0.50 2.59
CA LEU A 30 -15.79 -0.81 1.24
C LEU A 30 -16.90 -1.35 0.35
N ARG A 31 -17.71 -2.25 0.91
CA ARG A 31 -18.80 -2.89 0.16
C ARG A 31 -19.86 -1.84 -0.22
N GLU A 32 -20.20 -0.98 0.73
CA GLU A 32 -21.19 0.09 0.50
C GLU A 32 -20.77 1.16 -0.54
N ASP A 33 -19.54 1.66 -0.47
CA ASP A 33 -19.11 2.80 -1.27
C ASP A 33 -18.56 2.36 -2.60
N ASP A 34 -19.39 1.65 -3.37
CA ASP A 34 -18.85 0.97 -4.55
C ASP A 34 -18.77 1.87 -5.79
N GLU A 35 -19.22 3.12 -5.68
CA GLU A 35 -19.25 3.98 -6.86
C GLU A 35 -18.00 4.84 -7.00
N TYR A 36 -17.23 4.94 -5.90
CA TYR A 36 -16.02 5.74 -5.86
C TYR A 36 -15.07 5.46 -7.02
N ASP A 37 -14.60 6.57 -7.61
CA ASP A 37 -13.60 6.56 -8.67
C ASP A 37 -14.08 5.70 -9.84
N ASN A 38 -15.26 6.08 -10.38
CA ASN A 38 -15.88 5.36 -11.48
C ASN A 38 -15.99 3.86 -11.23
N TYR A 39 -16.49 3.53 -10.04
CA TYR A 39 -16.86 2.14 -9.71
C TYR A 39 -15.69 1.22 -9.36
N ILE A 40 -14.50 1.80 -9.17
CA ILE A 40 -13.38 1.03 -8.64
C ILE A 40 -13.61 0.68 -7.16
N GLY A 41 -14.23 1.61 -6.45
CA GLY A 41 -14.35 1.54 -4.99
C GLY A 41 -13.08 2.00 -4.29
N TYR A 42 -13.09 2.02 -2.96
CA TYR A 42 -11.99 2.55 -2.15
C TYR A 42 -10.83 1.58 -1.87
N GLY A 43 -10.91 0.33 -2.33
CA GLY A 43 -9.86 -0.61 -2.00
C GLY A 43 -8.44 -0.16 -2.37
N PRO A 44 -8.21 0.14 -3.63
CA PRO A 44 -6.90 0.62 -4.06
C PRO A 44 -6.38 1.83 -3.30
N VAL A 45 -7.19 2.89 -3.12
CA VAL A 45 -6.64 4.04 -2.43
C VAL A 45 -6.27 3.73 -0.97
N LEU A 46 -6.99 2.81 -0.34
CA LEU A 46 -6.62 2.42 1.03
C LEU A 46 -5.30 1.64 1.07
N VAL A 47 -5.06 0.79 0.07
CA VAL A 47 -3.74 0.14 -0.07
C VAL A 47 -2.64 1.20 -0.25
N ARG A 48 -2.88 2.18 -1.13
CA ARG A 48 -1.87 3.21 -1.33
C ARG A 48 -1.63 4.03 -0.05
N LEU A 49 -2.70 4.37 0.68
CA LEU A 49 -2.59 5.07 1.97
C LEU A 49 -1.71 4.32 2.95
N ALA A 50 -1.96 3.01 3.12
CA ALA A 50 -1.17 2.21 4.05
C ALA A 50 0.31 2.16 3.66
N TRP A 51 0.59 2.09 2.36
CA TRP A 51 1.95 2.16 1.85
C TRP A 51 2.58 3.54 2.07
N HIS A 52 1.88 4.64 1.77
CA HIS A 52 2.54 5.92 1.90
C HIS A 52 2.79 6.34 3.36
N ILE A 53 1.92 5.92 4.28
CA ILE A 53 2.16 6.23 5.70
C ILE A 53 3.36 5.40 6.24
N SER A 54 3.64 4.27 5.60
CA SER A 54 4.76 3.38 5.93
C SER A 54 6.06 3.77 5.22
N GLY A 55 5.95 4.20 3.97
CA GLY A 55 7.10 4.43 3.11
C GLY A 55 7.98 5.65 3.39
N THR A 56 7.59 6.47 4.37
CA THR A 56 8.43 7.60 4.84
C THR A 56 9.52 7.11 5.77
N TRP A 57 9.55 5.81 6.10
CA TRP A 57 10.53 5.32 7.06
C TRP A 57 11.96 5.47 6.57
N ASP A 58 12.84 5.82 7.49
CA ASP A 58 14.27 5.83 7.21
C ASP A 58 15.01 4.90 8.17
N LYS A 59 15.62 3.87 7.62
CA LYS A 59 16.24 2.84 8.49
C LYS A 59 17.41 3.35 9.29
N HIS A 60 17.99 4.46 8.82
CA HIS A 60 19.22 5.03 9.41
C HIS A 60 18.96 5.70 10.75
N ASP A 61 17.79 6.30 10.93
CA ASP A 61 17.49 6.97 12.20
C ASP A 61 16.12 6.66 12.79
N ASN A 62 15.41 5.72 12.16
CA ASN A 62 14.03 5.37 12.57
C ASN A 62 13.02 6.52 12.58
N THR A 63 13.26 7.51 11.73
CA THR A 63 12.21 8.49 11.55
C THR A 63 11.19 8.00 10.52
N GLY A 64 10.01 8.61 10.55
CA GLY A 64 8.89 8.20 9.69
C GLY A 64 8.41 6.82 10.04
N GLY A 65 7.77 6.20 9.06
CA GLY A 65 7.16 4.88 9.21
C GLY A 65 5.76 5.01 9.77
N SER A 66 5.08 3.87 9.86
CA SER A 66 3.66 3.85 10.20
C SER A 66 3.37 4.14 11.67
N TYR A 67 4.37 3.99 12.55
CA TYR A 67 4.10 3.94 13.98
C TYR A 67 3.37 5.18 14.49
N GLY A 68 3.81 6.38 14.10
CA GLY A 68 3.30 7.55 14.77
C GLY A 68 1.98 8.10 14.27
N GLY A 69 1.46 7.58 13.17
CA GLY A 69 0.19 8.06 12.64
C GLY A 69 0.25 9.50 12.16
N THR A 70 1.42 9.90 11.72
CA THR A 70 1.65 11.35 11.50
C THR A 70 1.01 11.89 10.21
N TYR A 71 0.50 11.01 9.36
CA TYR A 71 -0.27 11.44 8.20
C TYR A 71 -1.45 12.38 8.59
N ARG A 72 -1.93 12.27 9.84
CA ARG A 72 -3.00 13.14 10.32
C ARG A 72 -2.60 14.63 10.41
N PHE A 73 -1.31 14.89 10.32
CA PHE A 73 -0.80 16.27 10.43
C PHE A 73 -0.60 16.89 9.05
N LYS A 74 -0.84 18.19 8.96
CA LYS A 74 -0.91 18.86 7.66
C LYS A 74 0.35 18.71 6.82
N LYS A 75 1.53 18.72 7.44
CA LYS A 75 2.73 18.68 6.63
C LYS A 75 2.73 17.41 5.78
N GLU A 76 2.34 16.29 6.39
CA GLU A 76 2.36 14.99 5.68
C GLU A 76 1.12 14.80 4.78
N PHE A 77 -0.05 15.19 5.29
CA PHE A 77 -1.31 15.12 4.55
C PHE A 77 -1.19 15.92 3.23
N ASN A 78 -0.42 17.00 3.28
CA ASN A 78 -0.30 17.87 2.12
C ASN A 78 0.93 17.61 1.26
N ASP A 79 1.68 16.55 1.57
CA ASP A 79 2.80 16.14 0.73
C ASP A 79 2.28 15.99 -0.70
N PRO A 80 2.89 16.65 -1.71
CA PRO A 80 2.48 16.42 -3.09
C PRO A 80 2.47 14.93 -3.44
N SER A 81 3.38 14.15 -2.85
CA SER A 81 3.44 12.70 -3.13
C SER A 81 2.17 11.98 -2.66
N ASN A 82 1.47 12.58 -1.70
CA ASN A 82 0.24 12.02 -1.15
C ASN A 82 -1.06 12.51 -1.77
N ALA A 83 -0.97 13.28 -2.87
CA ALA A 83 -2.16 13.84 -3.48
C ALA A 83 -3.13 12.73 -3.87
N GLY A 84 -4.38 12.86 -3.40
CA GLY A 84 -5.43 11.89 -3.66
C GLY A 84 -5.67 11.00 -2.44
N LEU A 85 -4.73 10.91 -1.51
CA LEU A 85 -4.92 9.99 -0.36
C LEU A 85 -5.93 10.55 0.63
N GLN A 86 -6.22 11.85 0.52
CA GLN A 86 -7.25 12.44 1.37
C GLN A 86 -8.58 11.70 1.21
N ASN A 87 -8.81 11.11 0.03
CA ASN A 87 -10.00 10.29 -0.17
C ASN A 87 -10.03 9.07 0.77
N GLY A 88 -8.88 8.42 0.95
CA GLY A 88 -8.76 7.29 1.88
C GLY A 88 -8.91 7.74 3.32
N PHE A 89 -8.36 8.93 3.65
CA PHE A 89 -8.45 9.46 5.01
C PHE A 89 -9.92 9.73 5.34
N LYS A 90 -10.64 10.34 4.38
CA LYS A 90 -12.05 10.66 4.61
C LYS A 90 -12.88 9.39 4.78
N PHE A 91 -12.56 8.36 4.01
CA PHE A 91 -13.21 7.05 4.13
C PHE A 91 -13.05 6.47 5.54
N LEU A 92 -11.84 6.54 6.08
CA LEU A 92 -11.56 6.06 7.43
C LEU A 92 -12.10 6.90 8.58
N GLU A 93 -12.43 8.17 8.34
CA GLU A 93 -12.92 8.99 9.44
C GLU A 93 -14.10 8.42 10.22
N PRO A 94 -15.20 7.99 9.55
CA PRO A 94 -16.33 7.43 10.31
C PRO A 94 -15.91 6.13 11.02
N ILE A 95 -14.91 5.41 10.49
CA ILE A 95 -14.43 4.21 11.17
C ILE A 95 -13.74 4.61 12.48
N HIS A 96 -12.90 5.65 12.43
CA HIS A 96 -12.24 6.10 13.64
C HIS A 96 -13.26 6.61 14.66
N LYS A 97 -14.31 7.28 14.18
CA LYS A 97 -15.37 7.75 15.06
C LYS A 97 -16.05 6.60 15.82
N GLU A 98 -16.27 5.47 15.13
CA GLU A 98 -16.92 4.30 15.71
C GLU A 98 -15.99 3.58 16.69
N PHE A 99 -14.68 3.63 16.42
CA PHE A 99 -13.68 2.99 17.28
C PHE A 99 -12.60 3.97 17.69
N PRO A 100 -12.93 4.92 18.57
CA PRO A 100 -11.99 6.00 18.86
C PRO A 100 -10.72 5.51 19.58
N TRP A 101 -10.77 4.31 20.15
CA TRP A 101 -9.65 3.76 20.91
C TRP A 101 -8.48 3.27 20.02
N ILE A 102 -8.70 3.10 18.72
CA ILE A 102 -7.61 2.64 17.86
C ILE A 102 -6.66 3.78 17.52
N SER A 103 -5.36 3.50 17.46
CA SER A 103 -4.40 4.54 17.07
C SER A 103 -4.51 4.83 15.58
N SER A 104 -4.03 6.02 15.19
CA SER A 104 -4.06 6.39 13.79
C SER A 104 -3.23 5.45 12.91
N GLY A 105 -2.00 5.14 13.33
CA GLY A 105 -1.15 4.28 12.53
C GLY A 105 -1.76 2.89 12.43
N ASP A 106 -2.38 2.41 13.50
CA ASP A 106 -3.06 1.09 13.41
C ASP A 106 -4.21 1.17 12.42
N LEU A 107 -5.01 2.23 12.48
CA LEU A 107 -6.14 2.34 11.57
C LEU A 107 -5.70 2.42 10.11
N PHE A 108 -4.72 3.27 9.82
CA PHE A 108 -4.31 3.49 8.41
C PHE A 108 -3.72 2.17 7.85
N SER A 109 -2.92 1.46 8.66
CA SER A 109 -2.31 0.22 8.19
C SER A 109 -3.36 -0.87 8.06
N LEU A 110 -4.26 -0.96 9.05
CA LEU A 110 -5.32 -1.98 8.97
C LEU A 110 -6.22 -1.72 7.74
N GLY A 111 -6.39 -0.44 7.35
CA GLY A 111 -7.15 -0.11 6.13
C GLY A 111 -6.59 -0.87 4.93
N GLY A 112 -5.26 -0.85 4.79
CA GLY A 112 -4.59 -1.51 3.66
C GLY A 112 -4.75 -3.04 3.72
N VAL A 113 -4.58 -3.61 4.90
CA VAL A 113 -4.78 -5.04 5.08
C VAL A 113 -6.20 -5.47 4.71
N THR A 114 -7.18 -4.73 5.23
CA THR A 114 -8.59 -5.00 4.96
C THR A 114 -8.85 -4.93 3.48
N ALA A 115 -8.36 -3.88 2.84
CA ALA A 115 -8.59 -3.74 1.42
C ALA A 115 -8.07 -4.92 0.58
N VAL A 116 -6.83 -5.34 0.87
CA VAL A 116 -6.22 -6.41 0.10
C VAL A 116 -7.07 -7.67 0.27
N GLN A 117 -7.45 -8.00 1.51
CA GLN A 117 -8.17 -9.25 1.74
C GLN A 117 -9.57 -9.19 1.16
N GLU A 118 -10.24 -8.04 1.27
CA GLU A 118 -11.61 -7.93 0.76
C GLU A 118 -11.61 -7.88 -0.78
N MET A 119 -10.48 -7.49 -1.39
CA MET A 119 -10.30 -7.64 -2.84
C MET A 119 -9.87 -9.05 -3.31
N GLN A 120 -10.02 -10.05 -2.43
CA GLN A 120 -9.68 -11.45 -2.71
C GLN A 120 -8.18 -11.70 -2.79
N GLY A 121 -7.38 -10.81 -2.19
CA GLY A 121 -5.96 -11.02 -2.06
C GLY A 121 -5.59 -12.00 -0.94
N PRO A 122 -4.29 -12.12 -0.70
CA PRO A 122 -3.81 -13.06 0.33
C PRO A 122 -4.18 -12.53 1.71
N LYS A 123 -4.26 -13.41 2.70
CA LYS A 123 -4.27 -12.96 4.09
C LYS A 123 -2.97 -12.20 4.38
N ILE A 124 -3.07 -11.05 5.05
CA ILE A 124 -1.87 -10.33 5.49
C ILE A 124 -1.90 -10.30 7.02
N PRO A 125 -0.99 -11.00 7.69
CA PRO A 125 -0.94 -10.93 9.16
C PRO A 125 -0.70 -9.47 9.55
N TRP A 126 -1.33 -9.05 10.65
CA TRP A 126 -1.25 -7.65 11.05
C TRP A 126 -1.09 -7.58 12.57
N ARG A 127 -0.24 -6.66 13.01
CA ARG A 127 0.02 -6.47 14.43
C ARG A 127 -0.45 -5.11 14.88
N CYS A 128 -1.10 -5.05 16.04
CA CYS A 128 -1.48 -3.77 16.64
C CYS A 128 -0.36 -3.15 17.47
N GLY A 129 -0.57 -1.91 17.91
CA GLY A 129 0.33 -1.33 18.88
C GLY A 129 1.06 -0.09 18.45
N ARG A 130 0.79 0.39 17.24
CA ARG A 130 1.34 1.68 16.82
C ARG A 130 0.74 2.75 17.75
N VAL A 131 1.52 3.77 18.14
CA VAL A 131 1.05 4.78 19.10
C VAL A 131 1.24 6.15 18.45
N ASP A 132 0.20 6.98 18.49
CA ASP A 132 0.25 8.32 17.91
C ASP A 132 1.38 9.11 18.56
N THR A 133 2.18 9.75 17.71
CA THR A 133 3.24 10.65 18.20
C THR A 133 2.94 12.11 17.77
N PRO A 134 3.57 13.10 18.43
CA PRO A 134 3.21 14.51 18.19
C PRO A 134 3.59 15.06 16.83
N GLU A 135 3.05 16.25 16.54
CA GLU A 135 3.22 16.89 15.24
C GLU A 135 4.69 17.05 14.83
N ASP A 136 5.55 17.34 15.81
CA ASP A 136 6.96 17.54 15.46
C ASP A 136 7.71 16.27 15.08
N THR A 137 7.04 15.11 15.16
CA THR A 137 7.65 13.85 14.68
C THR A 137 7.28 13.51 13.23
N THR A 138 6.46 14.35 12.62
CA THR A 138 6.06 14.19 11.21
C THR A 138 7.28 14.31 10.30
N PRO A 139 7.53 13.32 9.44
CA PRO A 139 8.66 13.41 8.51
C PRO A 139 8.42 14.50 7.47
N ASP A 140 9.50 15.14 7.03
CA ASP A 140 9.40 16.12 5.93
C ASP A 140 8.96 15.42 4.66
N ASN A 141 8.33 16.18 3.76
CA ASN A 141 8.04 15.71 2.41
C ASN A 141 9.31 15.34 1.69
N GLY A 142 9.19 14.48 0.69
CA GLY A 142 10.31 14.15 -0.16
C GLY A 142 10.86 12.75 0.06
N ARG A 143 10.23 11.99 0.96
CA ARG A 143 10.68 10.64 1.27
C ARG A 143 10.04 9.54 0.47
N LEU A 144 8.97 9.87 -0.26
CA LEU A 144 8.29 8.85 -1.08
C LEU A 144 8.86 8.90 -2.51
N PRO A 145 8.75 7.81 -3.27
CA PRO A 145 9.52 7.70 -4.53
C PRO A 145 8.92 8.44 -5.74
N ASP A 146 9.81 8.93 -6.61
CA ASP A 146 9.47 9.49 -7.91
C ASP A 146 9.19 8.37 -8.91
N ALA A 147 8.34 8.65 -9.90
CA ALA A 147 7.92 7.63 -10.88
C ALA A 147 8.67 7.71 -12.20
N ASP A 148 9.45 8.77 -12.39
CA ASP A 148 10.08 9.01 -13.70
C ASP A 148 11.47 8.37 -13.85
N LYS A 149 11.78 7.45 -12.97
CA LYS A 149 13.15 6.98 -12.78
C LYS A 149 13.36 5.55 -13.24
N ASP A 150 14.57 5.04 -13.09
CA ASP A 150 14.94 3.73 -13.60
C ASP A 150 15.13 2.70 -12.50
N ALA A 151 15.57 1.51 -12.89
CA ALA A 151 15.65 0.41 -11.95
C ALA A 151 16.65 0.68 -10.83
N GLY A 152 17.77 1.33 -11.16
CA GLY A 152 18.75 1.67 -10.15
C GLY A 152 18.20 2.56 -9.05
N TYR A 153 17.41 3.57 -9.45
CA TYR A 153 16.71 4.44 -8.53
C TYR A 153 15.74 3.64 -7.64
N VAL A 154 14.99 2.70 -8.24
CA VAL A 154 14.01 1.91 -7.46
C VAL A 154 14.73 1.06 -6.39
N ARG A 155 15.80 0.40 -6.80
CA ARG A 155 16.57 -0.45 -5.89
C ARG A 155 17.18 0.37 -4.74
N THR A 156 17.73 1.55 -5.06
CA THR A 156 18.31 2.42 -4.03
C THR A 156 17.26 2.96 -3.09
N PHE A 157 16.12 3.32 -3.66
CA PHE A 157 15.05 3.88 -2.86
C PHE A 157 14.60 2.85 -1.83
N PHE A 158 14.30 1.66 -2.31
CA PHE A 158 13.73 0.64 -1.43
C PHE A 158 14.70 0.06 -0.42
N GLN A 159 16.00 0.20 -0.68
CA GLN A 159 16.95 -0.20 0.34
C GLN A 159 16.87 0.67 1.60
N ARG A 160 16.38 1.91 1.47
CA ARG A 160 16.14 2.74 2.65
C ARG A 160 15.06 2.12 3.56
N LEU A 161 14.21 1.27 2.97
CA LEU A 161 13.14 0.59 3.70
C LEU A 161 13.50 -0.87 4.00
N ASN A 162 14.77 -1.22 3.86
CA ASN A 162 15.24 -2.59 4.03
C ASN A 162 14.55 -3.59 3.14
N MET A 163 14.12 -3.16 1.96
CA MET A 163 13.50 -4.08 1.00
C MET A 163 14.49 -4.51 -0.05
N ASN A 164 14.52 -5.82 -0.30
CA ASN A 164 15.41 -6.39 -1.32
C ASN A 164 14.68 -6.59 -2.65
N ASP A 165 15.34 -7.17 -3.64
CA ASP A 165 14.75 -7.20 -4.97
C ASP A 165 13.40 -7.92 -5.00
N ARG A 166 13.34 -9.09 -4.37
CA ARG A 166 12.08 -9.85 -4.41
C ARG A 166 10.95 -9.08 -3.75
N GLU A 167 11.28 -8.41 -2.64
CA GLU A 167 10.28 -7.66 -1.89
C GLU A 167 9.80 -6.45 -2.70
N VAL A 168 10.72 -5.81 -3.42
CA VAL A 168 10.37 -4.68 -4.29
C VAL A 168 9.41 -5.14 -5.40
N VAL A 169 9.81 -6.22 -6.10
CA VAL A 169 9.01 -6.71 -7.22
C VAL A 169 7.63 -7.17 -6.73
N ALA A 170 7.58 -7.88 -5.59
CA ALA A 170 6.29 -8.32 -5.04
C ALA A 170 5.42 -7.11 -4.65
N LEU A 171 5.98 -6.13 -3.95
CA LEU A 171 5.19 -4.96 -3.56
C LEU A 171 4.60 -4.22 -4.77
N MET A 172 5.38 -4.11 -5.86
CA MET A 172 4.92 -3.39 -7.03
C MET A 172 3.70 -4.02 -7.68
N GLY A 173 3.44 -5.28 -7.40
CA GLY A 173 2.26 -5.91 -8.00
C GLY A 173 0.97 -5.28 -7.55
N ALA A 174 1.01 -4.46 -6.50
CA ALA A 174 -0.16 -3.67 -6.10
C ALA A 174 -0.55 -2.67 -7.18
N HIS A 175 0.32 -2.44 -8.16
CA HIS A 175 -0.01 -1.53 -9.25
C HIS A 175 -1.00 -2.14 -10.26
N ALA A 176 -1.44 -3.38 -10.05
CA ALA A 176 -2.63 -3.82 -10.76
C ALA A 176 -3.88 -3.11 -10.27
N LEU A 177 -3.83 -2.58 -9.05
CA LEU A 177 -5.02 -2.03 -8.38
C LEU A 177 -5.26 -0.56 -8.73
N GLY A 178 -6.51 -0.22 -8.96
CA GLY A 178 -6.84 1.20 -9.02
C GLY A 178 -6.38 1.82 -10.33
N LYS A 179 -5.89 3.05 -10.27
CA LYS A 179 -5.36 3.69 -11.49
C LYS A 179 -4.52 4.89 -11.11
N THR A 180 -3.74 5.37 -12.08
CA THR A 180 -3.14 6.70 -11.94
C THR A 180 -4.15 7.74 -12.40
N HIS A 181 -4.10 8.91 -11.76
CA HIS A 181 -5.00 10.02 -12.07
C HIS A 181 -4.20 11.27 -12.39
N LEU A 182 -4.45 11.84 -13.58
CA LEU A 182 -3.60 12.91 -14.04
C LEU A 182 -3.50 14.06 -13.05
N LYS A 183 -4.63 14.41 -12.41
CA LYS A 183 -4.59 15.56 -11.49
C LYS A 183 -3.90 15.29 -10.16
N ASN A 184 -3.75 14.00 -9.78
CA ASN A 184 -3.02 13.68 -8.56
C ASN A 184 -1.49 13.64 -8.76
N SER A 185 -1.06 12.96 -9.81
CA SER A 185 0.35 12.56 -9.94
C SER A 185 0.99 12.90 -11.29
N GLY A 186 0.19 13.37 -12.24
CA GLY A 186 0.68 13.64 -13.59
C GLY A 186 0.85 12.37 -14.43
N TYR A 187 0.15 11.29 -14.06
CA TYR A 187 0.09 10.07 -14.84
C TYR A 187 -1.38 9.67 -14.96
N GLU A 188 -1.74 8.98 -16.05
CA GLU A 188 -3.16 8.63 -16.30
C GLU A 188 -3.32 7.21 -16.79
N GLY A 189 -4.23 6.50 -16.14
CA GLY A 189 -4.66 5.19 -16.62
C GLY A 189 -4.47 4.03 -15.63
N PRO A 190 -5.15 2.93 -15.92
CA PRO A 190 -5.03 1.70 -15.10
C PRO A 190 -3.88 0.82 -15.58
N GLY A 191 -3.43 -0.11 -14.74
CA GLY A 191 -2.41 -1.06 -15.14
C GLY A 191 -2.93 -2.32 -15.81
N GLY A 192 -4.26 -2.44 -15.88
CA GLY A 192 -4.88 -3.68 -16.39
C GLY A 192 -6.40 -3.61 -16.27
N ALA A 193 -7.06 -4.73 -16.52
CA ALA A 193 -8.53 -4.81 -16.53
C ALA A 193 -9.13 -5.06 -15.16
N ALA A 194 -8.47 -5.92 -14.39
CA ALA A 194 -8.98 -6.32 -13.08
C ALA A 194 -8.32 -5.43 -12.06
N ASN A 195 -8.90 -4.26 -11.86
CA ASN A 195 -8.23 -3.25 -11.01
C ASN A 195 -8.90 -3.04 -9.64
N ASN A 196 -9.87 -3.87 -9.29
CA ASN A 196 -10.30 -3.88 -7.90
C ASN A 196 -10.46 -5.30 -7.33
N VAL A 197 -9.75 -6.24 -7.95
CA VAL A 197 -9.60 -7.63 -7.48
C VAL A 197 -8.11 -7.92 -7.49
N PHE A 198 -7.57 -8.46 -6.40
CA PHE A 198 -6.12 -8.64 -6.27
C PHE A 198 -5.68 -9.90 -7.03
N THR A 199 -4.82 -9.71 -8.04
CA THR A 199 -4.34 -10.77 -8.93
C THR A 199 -2.90 -10.47 -9.28
N ASN A 200 -2.26 -11.38 -10.01
CA ASN A 200 -0.91 -11.14 -10.56
C ASN A 200 -0.92 -10.45 -11.94
N GLU A 201 -1.99 -9.75 -12.26
CA GLU A 201 -2.13 -9.15 -13.59
C GLU A 201 -1.02 -8.16 -13.98
N PHE A 202 -0.47 -7.45 -12.98
CA PHE A 202 0.60 -6.49 -13.22
C PHE A 202 1.76 -7.14 -13.97
N TYR A 203 2.15 -8.35 -13.55
CA TYR A 203 3.31 -9.01 -14.12
C TYR A 203 2.99 -9.55 -15.52
N LEU A 204 1.79 -10.10 -15.64
CA LEU A 204 1.33 -10.66 -16.92
C LEU A 204 1.33 -9.54 -17.93
N ASN A 205 0.81 -8.38 -17.54
CA ASN A 205 0.74 -7.23 -18.46
C ASN A 205 2.10 -6.67 -18.83
N LEU A 206 2.98 -6.53 -17.86
CA LEU A 206 4.34 -6.12 -18.16
C LEU A 206 4.97 -6.97 -19.27
N LEU A 207 4.80 -8.29 -19.16
CA LEU A 207 5.45 -9.20 -20.10
C LEU A 207 4.71 -9.40 -21.42
N ASN A 208 3.39 -9.28 -21.41
CA ASN A 208 2.58 -9.69 -22.58
C ASN A 208 1.97 -8.58 -23.40
N GLU A 209 1.91 -7.38 -22.84
CA GLU A 209 1.36 -6.25 -23.60
C GLU A 209 2.39 -5.66 -24.54
N ASP A 210 1.88 -5.05 -25.61
CA ASP A 210 2.68 -4.24 -26.56
C ASP A 210 2.78 -2.78 -26.10
N TRP A 211 3.84 -2.48 -25.37
CA TRP A 211 3.99 -1.18 -24.73
C TRP A 211 4.62 -0.16 -25.67
N LYS A 212 4.07 1.05 -25.66
CA LYS A 212 4.60 2.17 -26.43
C LYS A 212 4.87 3.33 -25.50
N LEU A 213 6.12 3.78 -25.49
CA LEU A 213 6.49 4.97 -24.71
C LEU A 213 5.85 6.23 -25.33
N GLU A 214 5.10 6.97 -24.50
CA GLU A 214 4.40 8.18 -24.94
C GLU A 214 4.51 9.25 -23.89
N LYS A 215 4.34 10.50 -24.30
CA LYS A 215 4.08 11.54 -23.34
C LYS A 215 2.58 11.62 -23.07
N ASN A 216 2.22 11.94 -21.82
CA ASN A 216 0.81 12.09 -21.49
C ASN A 216 0.42 13.56 -21.52
N ASP A 217 -0.82 13.87 -21.15
CA ASP A 217 -1.28 15.27 -21.19
C ASP A 217 -0.63 16.23 -20.16
N ALA A 218 0.11 15.67 -19.20
CA ALA A 218 0.90 16.43 -18.23
C ALA A 218 2.37 16.52 -18.65
N ASN A 219 2.64 16.05 -19.87
CA ASN A 219 3.98 16.06 -20.46
C ASN A 219 4.98 15.11 -19.81
N ASN A 220 4.46 14.08 -19.11
CA ASN A 220 5.32 13.08 -18.49
C ASN A 220 5.33 11.81 -19.35
N GLU A 221 6.46 11.12 -19.38
CA GLU A 221 6.55 9.86 -20.11
C GLU A 221 5.92 8.71 -19.34
N GLN A 222 5.11 7.95 -20.07
CA GLN A 222 4.59 6.70 -19.55
C GLN A 222 4.44 5.70 -20.67
N TRP A 223 4.34 4.43 -20.29
CA TRP A 223 4.27 3.35 -21.27
C TRP A 223 2.83 2.89 -21.43
N ASP A 224 2.32 2.94 -22.66
CA ASP A 224 0.89 2.73 -22.90
C ASP A 224 0.67 1.55 -23.84
N SER A 225 -0.36 0.74 -23.55
CA SER A 225 -0.64 -0.37 -24.43
C SER A 225 -1.90 -0.17 -25.26
N LYS A 226 -2.03 -0.95 -26.32
CA LYS A 226 -3.21 -0.87 -27.18
C LYS A 226 -4.47 -1.26 -26.44
N SER A 227 -4.31 -2.02 -25.37
CA SER A 227 -5.45 -2.42 -24.54
C SER A 227 -5.94 -1.27 -23.65
N GLY A 228 -5.22 -0.14 -23.64
CA GLY A 228 -5.63 0.98 -22.80
C GLY A 228 -5.08 0.89 -21.38
N TYR A 229 -3.96 0.18 -21.22
CA TYR A 229 -3.29 0.11 -19.92
C TYR A 229 -2.05 0.99 -19.95
N MET A 230 -1.50 1.26 -18.78
CA MET A 230 -0.28 2.06 -18.64
C MET A 230 0.66 1.42 -17.61
N MET A 231 1.93 1.80 -17.73
CA MET A 231 2.98 1.53 -16.74
C MET A 231 3.80 2.79 -16.53
N LEU A 232 4.19 3.05 -15.28
CA LEU A 232 5.11 4.15 -14.97
C LEU A 232 6.50 3.76 -15.43
N PRO A 233 7.39 4.71 -15.70
CA PRO A 233 8.79 4.34 -15.95
C PRO A 233 9.38 3.41 -14.86
N THR A 234 9.04 3.61 -13.59
CA THR A 234 9.56 2.73 -12.53
C THR A 234 8.97 1.34 -12.58
N ASP A 235 7.72 1.22 -13.04
CA ASP A 235 7.14 -0.11 -13.27
C ASP A 235 7.86 -0.79 -14.41
N TYR A 236 8.04 -0.09 -15.51
CA TYR A 236 8.66 -0.67 -16.70
C TYR A 236 10.12 -1.09 -16.45
N SER A 237 10.74 -0.40 -15.50
CA SER A 237 12.12 -0.71 -15.13
C SER A 237 12.25 -2.14 -14.62
N LEU A 238 11.16 -2.73 -14.12
CA LEU A 238 11.20 -4.09 -13.58
C LEU A 238 11.41 -5.13 -14.66
N ILE A 239 11.16 -4.76 -15.93
CA ILE A 239 11.47 -5.69 -17.03
C ILE A 239 12.71 -5.28 -17.81
N GLN A 240 13.29 -4.14 -17.42
CA GLN A 240 14.58 -3.69 -17.98
C GLN A 240 15.79 -4.19 -17.23
N ASP A 241 15.66 -4.32 -15.91
CA ASP A 241 16.74 -4.82 -15.05
C ASP A 241 16.66 -6.34 -15.06
N PRO A 242 17.77 -7.02 -15.35
CA PRO A 242 17.77 -8.48 -15.44
C PRO A 242 17.32 -9.18 -14.16
N LYS A 243 17.74 -8.65 -13.01
CA LYS A 243 17.38 -9.26 -11.73
C LYS A 243 15.89 -9.09 -11.49
N TYR A 244 15.38 -7.88 -11.68
CA TYR A 244 13.94 -7.69 -11.55
C TYR A 244 13.13 -8.54 -12.55
N LEU A 245 13.58 -8.61 -13.81
CA LEU A 245 12.83 -9.34 -14.84
C LEU A 245 12.61 -10.81 -14.46
N SER A 246 13.65 -11.42 -13.90
CA SER A 246 13.55 -12.83 -13.54
C SER A 246 12.41 -13.05 -12.53
N ILE A 247 12.29 -12.16 -11.56
CA ILE A 247 11.22 -12.24 -10.58
C ILE A 247 9.81 -11.90 -11.16
N VAL A 248 9.76 -10.88 -12.02
CA VAL A 248 8.50 -10.60 -12.71
C VAL A 248 7.97 -11.87 -13.43
N LYS A 249 8.85 -12.54 -14.19
CA LYS A 249 8.46 -13.82 -14.81
C LYS A 249 7.96 -14.86 -13.81
N GLU A 250 8.63 -14.96 -12.66
CA GLU A 250 8.20 -15.91 -11.64
C GLU A 250 6.77 -15.64 -11.18
N TYR A 251 6.45 -14.37 -10.96
CA TYR A 251 5.13 -14.00 -10.44
C TYR A 251 4.05 -14.06 -11.52
N ALA A 252 4.44 -13.79 -12.77
CA ALA A 252 3.51 -13.90 -13.88
C ALA A 252 3.12 -15.37 -14.03
N ASN A 253 4.08 -16.25 -13.78
CA ASN A 253 3.84 -17.68 -13.93
C ASN A 253 3.10 -18.31 -12.73
N ASP A 254 3.17 -17.68 -11.57
CA ASP A 254 2.71 -18.30 -10.34
C ASP A 254 2.06 -17.30 -9.39
N GLN A 255 0.75 -17.09 -9.53
CA GLN A 255 0.05 -16.11 -8.70
C GLN A 255 0.13 -16.49 -7.21
N ASP A 256 0.12 -17.79 -6.90
CA ASP A 256 0.18 -18.22 -5.52
C ASP A 256 1.48 -17.77 -4.86
N LYS A 257 2.60 -17.93 -5.58
CA LYS A 257 3.89 -17.47 -5.08
C LYS A 257 3.91 -15.95 -4.89
N PHE A 258 3.36 -15.22 -5.88
CA PHE A 258 3.20 -13.77 -5.74
C PHE A 258 2.41 -13.42 -4.46
N PHE A 259 1.27 -14.07 -4.24
CA PHE A 259 0.45 -13.84 -3.04
C PHE A 259 1.26 -14.02 -1.76
N LYS A 260 2.01 -15.11 -1.67
CA LYS A 260 2.80 -15.41 -0.49
C LYS A 260 3.87 -14.34 -0.25
N ASP A 261 4.56 -13.92 -1.33
CA ASP A 261 5.65 -12.96 -1.21
C ASP A 261 5.14 -11.55 -0.94
N PHE A 262 4.02 -11.23 -1.58
CA PHE A 262 3.40 -9.91 -1.34
C PHE A 262 2.96 -9.82 0.13
N SER A 263 2.34 -10.89 0.65
CA SER A 263 1.85 -10.84 2.02
C SER A 263 2.98 -10.52 3.02
N LYS A 264 4.10 -11.23 2.86
CA LYS A 264 5.27 -11.03 3.72
C LYS A 264 5.84 -9.59 3.53
N ALA A 265 5.99 -9.16 2.29
CA ALA A 265 6.58 -7.84 2.02
C ALA A 265 5.70 -6.71 2.56
N PHE A 266 4.38 -6.87 2.37
CA PHE A 266 3.46 -5.85 2.81
C PHE A 266 3.42 -5.75 4.36
N GLU A 267 3.41 -6.90 5.03
CA GLU A 267 3.52 -6.87 6.49
C GLU A 267 4.83 -6.19 6.94
N LYS A 268 5.93 -6.54 6.27
CA LYS A 268 7.24 -5.96 6.63
C LYS A 268 7.20 -4.43 6.49
N LEU A 269 6.64 -3.99 5.36
CA LEU A 269 6.54 -2.56 5.06
C LEU A 269 5.77 -1.87 6.17
N LEU A 270 4.64 -2.43 6.56
CA LEU A 270 3.77 -1.80 7.55
C LEU A 270 4.33 -1.88 8.96
N GLU A 271 5.32 -2.76 9.17
CA GLU A 271 5.93 -2.89 10.50
C GLU A 271 7.31 -2.29 10.63
N ASN A 272 7.87 -1.77 9.54
CA ASN A 272 9.20 -1.17 9.61
C ASN A 272 9.24 -0.07 10.68
N GLY A 273 10.29 -0.08 11.48
CA GLY A 273 10.46 0.92 12.54
C GLY A 273 9.90 0.54 13.89
N ILE A 274 9.13 -0.55 13.94
CA ILE A 274 8.43 -0.93 15.16
C ILE A 274 9.14 -2.11 15.83
N THR A 275 9.41 -1.94 17.13
CA THR A 275 9.92 -3.02 17.97
C THR A 275 8.74 -3.65 18.69
N PHE A 276 8.51 -4.94 18.43
CA PHE A 276 7.47 -5.71 19.10
C PHE A 276 8.07 -6.47 20.27
N PRO A 277 7.59 -6.18 21.47
CA PRO A 277 8.14 -6.80 22.68
C PRO A 277 7.98 -8.28 22.51
N LYS A 278 8.88 -9.05 23.11
CA LYS A 278 8.85 -10.49 22.85
C LYS A 278 7.59 -11.16 23.37
N ASP A 279 6.88 -10.49 24.28
CA ASP A 279 5.60 -10.97 24.79
C ASP A 279 4.34 -10.28 24.21
N ALA A 280 4.50 -9.55 23.13
CA ALA A 280 3.37 -8.95 22.39
C ALA A 280 2.48 -10.06 21.84
N PRO A 281 1.21 -9.78 21.52
CA PRO A 281 0.38 -10.81 20.87
C PRO A 281 0.99 -11.24 19.54
N SER A 282 0.74 -12.49 19.16
CA SER A 282 1.10 -12.94 17.81
C SER A 282 0.34 -12.08 16.79
N PRO A 283 0.86 -12.00 15.55
CA PRO A 283 0.15 -11.30 14.48
C PRO A 283 -1.27 -11.84 14.31
N PHE A 284 -2.20 -10.94 14.07
CA PHE A 284 -3.58 -11.29 13.82
C PHE A 284 -3.81 -11.60 12.35
N ILE A 285 -4.60 -12.64 12.09
CA ILE A 285 -5.13 -12.87 10.76
C ILE A 285 -6.65 -12.72 10.81
N PHE A 286 -7.12 -11.64 10.21
CA PHE A 286 -8.55 -11.34 10.21
C PHE A 286 -9.35 -12.16 9.22
N LYS A 287 -10.55 -12.55 9.64
CA LYS A 287 -11.49 -13.21 8.76
C LYS A 287 -12.08 -12.21 7.82
N THR A 288 -12.31 -12.60 6.57
CA THR A 288 -13.04 -11.72 5.66
C THR A 288 -14.50 -11.63 6.10
N LEU A 289 -15.23 -10.66 5.57
CA LEU A 289 -16.66 -10.62 5.81
C LEU A 289 -17.32 -11.91 5.37
N GLU A 290 -16.92 -12.39 4.19
CA GLU A 290 -17.45 -13.64 3.67
C GLU A 290 -17.21 -14.80 4.61
N GLU A 291 -16.02 -14.88 5.19
CA GLU A 291 -15.70 -15.96 6.12
C GLU A 291 -16.57 -15.92 7.39
N GLN A 292 -17.11 -14.74 7.71
CA GLN A 292 -17.94 -14.57 8.91
C GLN A 292 -19.46 -14.59 8.62
N GLY A 293 -19.83 -14.73 7.35
CA GLY A 293 -21.22 -14.65 6.95
C GLY A 293 -21.85 -13.28 7.09
N LEU A 294 -21.03 -12.23 6.97
CA LEU A 294 -21.47 -10.85 7.13
C LEU A 294 -21.52 -10.11 5.80
CHA HEM B . -0.81 4.62 -7.39
CHB HEM B . 3.93 5.60 -7.92
CHC HEM B . 5.03 1.78 -5.19
CHD HEM B . 0.31 0.95 -4.34
C1A HEM B . 0.38 5.22 -7.77
C2A HEM B . 0.49 6.46 -8.50
C3A HEM B . 1.80 6.71 -8.69
C4A HEM B . 2.57 5.69 -8.01
CMA HEM B . 2.42 7.93 -9.44
CAA HEM B . -0.75 7.23 -9.03
CBA HEM B . -1.30 8.13 -7.90
CGA HEM B . -2.54 8.83 -8.44
O1A HEM B . -2.44 9.42 -9.56
O2A HEM B . -3.63 8.73 -7.83
C1B HEM B . 4.64 4.63 -7.25
C2B HEM B . 6.06 4.50 -7.25
C3B HEM B . 6.39 3.42 -6.51
C4B HEM B . 5.14 2.88 -6.00
CMB HEM B . 7.02 5.44 -8.02
CAB HEM B . 7.76 2.81 -6.17
CBB HEM B . 8.80 2.84 -7.02
C1C HEM B . 3.85 1.32 -4.66
C2C HEM B . 3.75 0.30 -3.62
C3C HEM B . 2.44 0.09 -3.39
C4C HEM B . 1.69 0.95 -4.28
CMC HEM B . 4.98 -0.31 -2.92
CAC HEM B . 1.73 -0.80 -2.37
CBC HEM B . 2.16 -2.03 -2.08
C1D HEM B . -0.39 1.79 -5.19
C2D HEM B . -1.81 1.69 -5.44
C3D HEM B . -2.13 2.83 -6.38
C4D HEM B . -0.90 3.51 -6.61
CMD HEM B . -2.73 0.60 -4.85
CAD HEM B . -3.52 3.17 -6.93
CBD HEM B . -4.23 4.20 -6.04
CGD HEM B . -5.61 4.59 -6.57
O1D HEM B . -6.13 5.60 -6.00
O2D HEM B . -6.14 3.93 -7.48
NA HEM B . 1.66 4.82 -7.42
NB HEM B . 4.10 3.63 -6.53
NC HEM B . 2.58 1.72 -4.99
ND HEM B . 0.12 2.97 -5.90
FE HEM B . 2.11 3.19 -6.29
C1 LG5 C . 0.50 2.88 -10.64
C2 LG5 C . 1.05 2.23 -11.75
N3 LG5 C . 0.27 1.38 -12.46
C4 LG5 C . -1.04 1.18 -12.17
C5 LG5 C . -1.61 1.83 -11.08
C6 LG5 C . -0.84 2.70 -10.31
C7 LG5 C . 0.81 0.64 -13.59
N8 LG5 C . -2.94 1.63 -10.77
#